data_4J1Z
#
_entry.id   4J1Z
#
_cell.length_a   95.108
_cell.length_b   95.031
_cell.length_c   115.521
_cell.angle_alpha   90.000
_cell.angle_beta   90.000
_cell.angle_gamma   90.000
#
_symmetry.space_group_name_H-M   'C 2 2 21'
#
loop_
_entity.id
_entity.type
_entity.pdbx_description
1 polymer Tankyrase-2
2 non-polymer 'ZINC ION'
3 non-polymer 'SULFATE ION'
4 non-polymer 4-chlorophthalazin-1(2H)-one
5 water water
#
_entity_poly.entity_id   1
_entity_poly.type   'polypeptide(L)'
_entity_poly.pdbx_seq_one_letter_code
;GTILIDLSPDDKEFQSVEEEMQSTVREHRDGGHAGGIFNRYNILKIQKVCNKKLWERYTHRRKEVSEENHNHANERMLFH
GSPFVNAIIHKGFDERHAYIGGMFGAGIYFAENSSKSNQYVYGIGGGTGCPVHKDRSCYICHRQLLFCRVTLGKSFLQFS
AMKMAHSPPGHHSVTGRPSVNGLALAEYVIYRGEQAYPEYLITYQIMRPE
;
_entity_poly.pdbx_strand_id   A,B
#
loop_
_chem_comp.id
_chem_comp.type
_chem_comp.name
_chem_comp.formula
495 non-polymer 4-chlorophthalazin-1(2H)-one 'C8 H5 Cl N2 O'
SO4 non-polymer 'SULFATE ION' 'O4 S -2'
ZN non-polymer 'ZINC ION' 'Zn 2'
#
# COMPACT_ATOMS: atom_id res chain seq x y z
N GLY A 1 14.85 3.12 -9.33
CA GLY A 1 15.31 1.72 -9.39
C GLY A 1 14.24 0.80 -8.80
N THR A 2 13.66 1.16 -7.63
CA THR A 2 12.77 0.19 -7.02
C THR A 2 11.36 0.33 -7.50
N ILE A 3 10.74 -0.77 -7.87
CA ILE A 3 9.29 -0.73 -8.08
C ILE A 3 8.60 -1.76 -7.16
N LEU A 4 7.34 -1.49 -6.77
CA LEU A 4 6.61 -2.28 -5.81
C LEU A 4 5.46 -2.91 -6.54
N ILE A 5 5.34 -4.21 -6.48
CA ILE A 5 4.19 -4.87 -7.13
C ILE A 5 3.25 -5.39 -6.06
N ASP A 6 2.00 -4.97 -6.13
CA ASP A 6 0.97 -5.39 -5.19
C ASP A 6 0.56 -6.81 -5.41
N LEU A 7 0.56 -7.63 -4.37
CA LEU A 7 0.01 -8.97 -4.48
C LEU A 7 -1.48 -8.96 -4.21
N SER A 8 -2.22 -9.84 -4.87
CA SER A 8 -3.65 -9.94 -4.68
C SER A 8 -3.91 -10.76 -3.42
N PRO A 9 -4.84 -10.34 -2.55
CA PRO A 9 -5.15 -11.24 -1.44
C PRO A 9 -5.63 -12.63 -1.90
N ASP A 10 -6.02 -12.74 -3.17
CA ASP A 10 -6.44 -14.03 -3.74
C ASP A 10 -5.28 -14.93 -4.17
N ASP A 11 -4.07 -14.39 -4.17
CA ASP A 11 -2.89 -15.06 -4.68
C ASP A 11 -2.33 -15.90 -3.51
N LYS A 12 -1.88 -17.11 -3.81
CA LYS A 12 -1.35 -17.98 -2.73
C LYS A 12 -0.06 -17.36 -2.15
N GLU A 13 0.68 -16.59 -2.94
CA GLU A 13 1.88 -15.93 -2.44
C GLU A 13 1.54 -14.93 -1.29
N PHE A 14 0.51 -14.10 -1.52
CA PHE A 14 0.02 -13.16 -0.52
C PHE A 14 -0.42 -13.96 0.72
N GLN A 15 -1.18 -15.04 0.51
CA GLN A 15 -1.66 -15.79 1.67
C GLN A 15 -0.50 -16.47 2.42
N SER A 16 0.49 -17.04 1.76
CA SER A 16 1.54 -17.66 2.57
C SER A 16 2.36 -16.59 3.35
N VAL A 17 2.57 -15.41 2.77
CA VAL A 17 3.27 -14.34 3.48
C VAL A 17 2.46 -13.88 4.67
N GLU A 18 1.15 -13.65 4.48
CA GLU A 18 0.30 -13.32 5.61
C GLU A 18 0.40 -14.42 6.69
N GLU A 19 0.34 -15.68 6.25
CA GLU A 19 0.41 -16.78 7.21
C GLU A 19 1.70 -16.73 8.08
N GLU A 20 2.82 -16.46 7.45
CA GLU A 20 4.07 -16.34 8.14
C GLU A 20 4.04 -15.19 9.17
N MET A 21 3.45 -14.05 8.79
CA MET A 21 3.15 -12.97 9.77
C MET A 21 2.31 -13.44 10.96
N GLN A 22 1.12 -13.97 10.71
CA GLN A 22 0.14 -14.23 11.76
C GLN A 22 0.63 -15.39 12.65
N SER A 23 1.25 -16.41 12.05
CA SER A 23 1.57 -17.63 12.85
C SER A 23 2.83 -17.41 13.75
N THR A 24 3.49 -16.27 13.63
CA THR A 24 4.70 -16.07 14.42
C THR A 24 4.55 -14.89 15.37
N VAL A 25 3.32 -14.45 15.62
CA VAL A 25 3.06 -13.55 16.78
C VAL A 25 3.27 -14.40 18.06
N ARG A 26 3.87 -13.80 19.09
CA ARG A 26 3.96 -14.46 20.41
C ARG A 26 3.78 -13.38 21.41
N GLU A 27 3.63 -13.75 22.69
CA GLU A 27 3.59 -12.71 23.71
C GLU A 27 5.04 -12.24 24.00
N HIS A 28 5.17 -11.01 24.46
CA HIS A 28 6.50 -10.46 24.70
C HIS A 28 6.66 -10.17 26.20
N ARG A 29 7.89 -10.23 26.70
CA ARG A 29 8.16 -10.09 28.13
C ARG A 29 7.86 -8.68 28.67
N ASP A 30 7.72 -7.70 27.76
CA ASP A 30 7.45 -6.32 28.16
C ASP A 30 5.98 -6.07 28.22
N GLY A 31 5.18 -7.12 28.10
CA GLY A 31 3.72 -7.01 28.24
C GLY A 31 3.07 -6.18 27.14
N GLY A 32 3.80 -5.94 26.06
CA GLY A 32 3.24 -5.12 24.95
C GLY A 32 3.79 -3.70 24.96
N HIS A 33 4.69 -3.36 25.90
CA HIS A 33 5.20 -2.01 26.02
C HIS A 33 5.71 -1.45 24.68
N ALA A 34 6.59 -2.20 24.00
CA ALA A 34 7.27 -1.72 22.80
C ALA A 34 6.38 -1.78 21.55
N GLY A 35 5.71 -2.92 21.34
CA GLY A 35 5.03 -3.18 20.05
C GLY A 35 3.53 -3.09 20.13
N GLY A 36 3.02 -2.98 21.35
CA GLY A 36 1.60 -2.93 21.60
C GLY A 36 1.00 -4.25 22.00
N ILE A 37 -0.29 -4.24 22.32
CA ILE A 37 -1.01 -5.46 22.79
C ILE A 37 -1.90 -6.02 21.73
N PHE A 38 -1.61 -7.24 21.28
CA PHE A 38 -2.36 -7.82 20.18
C PHE A 38 -1.97 -9.30 20.06
N ASN A 39 -2.84 -10.09 19.46
CA ASN A 39 -2.58 -11.50 19.08
C ASN A 39 -2.52 -11.74 17.59
N ARG A 40 -3.02 -10.79 16.79
CA ARG A 40 -2.97 -11.00 15.35
C ARG A 40 -2.98 -9.63 14.65
N TYR A 41 -2.73 -9.62 13.32
CA TYR A 41 -2.73 -8.39 12.53
C TYR A 41 -3.91 -8.27 11.59
N ASN A 42 -4.18 -7.05 11.17
CA ASN A 42 -5.06 -6.81 10.01
C ASN A 42 -4.11 -6.49 8.88
N ILE A 43 -3.96 -7.40 7.94
CA ILE A 43 -2.98 -7.16 6.93
C ILE A 43 -3.64 -6.30 5.86
N LEU A 44 -3.02 -5.19 5.47
CA LEU A 44 -3.64 -4.21 4.54
C LEU A 44 -3.13 -4.34 3.13
N LYS A 45 -1.83 -4.60 3.00
CA LYS A 45 -1.21 -4.72 1.68
C LYS A 45 0.07 -5.55 1.75
N ILE A 46 0.33 -6.37 0.75
CA ILE A 46 1.63 -6.94 0.65
C ILE A 46 2.22 -6.65 -0.70
N GLN A 47 3.42 -6.08 -0.72
CA GLN A 47 4.05 -5.76 -1.97
C GLN A 47 5.38 -6.46 -2.16
N LYS A 48 5.61 -6.99 -3.36
CA LYS A 48 6.91 -7.44 -3.76
C LYS A 48 7.82 -6.28 -4.17
N VAL A 49 9.04 -6.27 -3.65
CA VAL A 49 9.96 -5.13 -3.83
C VAL A 49 10.90 -5.58 -4.92
N CYS A 50 11.05 -4.77 -5.96
CA CYS A 50 11.77 -5.24 -7.15
CA CYS A 50 11.75 -5.22 -7.15
C CYS A 50 12.81 -4.21 -7.51
N ASN A 51 14.08 -4.59 -7.40
CA ASN A 51 15.16 -3.66 -7.69
C ASN A 51 16.33 -4.49 -8.21
N LYS A 52 16.53 -4.42 -9.52
CA LYS A 52 17.49 -5.29 -10.18
C LYS A 52 18.93 -5.07 -9.67
N LYS A 53 19.31 -3.83 -9.42
CA LYS A 53 20.65 -3.58 -8.87
C LYS A 53 20.79 -4.11 -7.44
N LEU A 54 19.81 -3.82 -6.58
CA LEU A 54 19.87 -4.40 -5.23
C LEU A 54 19.84 -5.94 -5.21
N TRP A 55 19.11 -6.56 -6.13
CA TRP A 55 19.01 -8.02 -6.20
C TRP A 55 20.39 -8.60 -6.63
N GLU A 56 21.02 -7.96 -7.61
CA GLU A 56 22.30 -8.48 -8.11
C GLU A 56 23.37 -8.35 -7.04
N ARG A 57 23.30 -7.27 -6.29
CA ARG A 57 24.20 -7.03 -5.17
C ARG A 57 24.02 -8.12 -4.08
N TYR A 58 22.76 -8.54 -3.85
CA TYR A 58 22.44 -9.58 -2.91
C TYR A 58 22.92 -10.95 -3.42
N THR A 59 22.55 -11.32 -4.66
CA THR A 59 22.93 -12.66 -5.12
C THR A 59 24.44 -12.79 -5.38
N HIS A 60 25.10 -11.69 -5.66
CA HIS A 60 26.53 -11.73 -5.79
C HIS A 60 27.16 -12.10 -4.44
N ARG A 61 26.71 -11.47 -3.35
CA ARG A 61 27.15 -11.84 -2.01
C ARG A 61 26.75 -13.27 -1.61
N ARG A 62 25.49 -13.64 -1.88
CA ARG A 62 25.01 -14.97 -1.57
C ARG A 62 25.91 -16.09 -2.13
N LYS A 63 26.30 -15.96 -3.39
CA LYS A 63 27.19 -16.92 -4.09
C LYS A 63 28.58 -16.97 -3.39
N GLU A 64 29.12 -15.80 -3.03
CA GLU A 64 30.37 -15.74 -2.25
C GLU A 64 30.26 -16.48 -0.93
N VAL A 65 29.24 -16.15 -0.14
CA VAL A 65 29.03 -16.84 1.12
C VAL A 65 28.84 -18.34 0.95
N SER A 66 28.03 -18.71 -0.03
CA SER A 66 27.74 -20.09 -0.35
C SER A 66 29.06 -20.89 -0.54
N GLU A 67 29.91 -20.33 -1.40
CA GLU A 67 31.23 -20.90 -1.75
C GLU A 67 32.14 -21.09 -0.57
N GLU A 68 31.99 -20.24 0.43
CA GLU A 68 32.79 -20.33 1.65
C GLU A 68 32.16 -21.22 2.66
N ASN A 69 30.95 -21.76 2.42
CA ASN A 69 30.32 -22.57 3.45
C ASN A 69 29.77 -23.99 3.05
N HIS A 70 30.65 -24.96 2.82
CA HIS A 70 30.19 -26.32 2.43
C HIS A 70 28.96 -26.24 1.44
N ASN A 71 29.16 -25.44 0.37
CA ASN A 71 28.17 -24.94 -0.62
C ASN A 71 26.73 -24.60 -0.21
N HIS A 72 26.60 -23.85 0.86
CA HIS A 72 25.32 -23.71 1.49
C HIS A 72 25.20 -22.27 1.92
N ALA A 73 24.39 -21.52 1.19
CA ALA A 73 24.12 -20.12 1.54
C ALA A 73 23.45 -19.96 2.91
N ASN A 74 22.66 -20.97 3.30
CA ASN A 74 21.91 -20.96 4.54
C ASN A 74 20.96 -19.75 4.50
N GLU A 75 20.15 -19.69 3.43
CA GLU A 75 19.34 -18.53 3.19
C GLU A 75 18.01 -18.70 3.91
N ARG A 76 17.58 -17.69 4.65
CA ARG A 76 16.30 -17.72 5.38
C ARG A 76 15.39 -16.54 4.95
N MET A 77 14.10 -16.61 5.30
CA MET A 77 13.19 -15.44 5.22
C MET A 77 12.85 -15.05 6.62
N LEU A 78 13.15 -13.81 6.94
CA LEU A 78 13.03 -13.31 8.29
C LEU A 78 12.41 -11.89 8.29
N PHE A 79 11.75 -11.51 9.38
CA PHE A 79 11.17 -10.17 9.45
C PHE A 79 12.22 -9.12 9.87
N HIS A 80 11.97 -7.88 9.44
CA HIS A 80 12.78 -6.75 9.88
C HIS A 80 11.83 -5.58 10.04
N GLY A 81 11.79 -4.98 11.25
CA GLY A 81 10.98 -3.75 11.46
C GLY A 81 11.96 -2.59 11.64
N SER A 82 11.58 -1.43 11.12
CA SER A 82 12.46 -0.25 11.16
C SER A 82 11.73 1.01 10.75
N PRO A 83 12.08 2.17 11.37
CA PRO A 83 11.47 3.42 10.85
C PRO A 83 12.08 3.76 9.50
N PHE A 84 13.16 3.10 9.06
CA PHE A 84 13.77 3.53 7.80
C PHE A 84 13.38 2.64 6.62
N VAL A 85 12.22 1.97 6.73
CA VAL A 85 11.79 1.01 5.72
C VAL A 85 11.79 1.63 4.29
N ASN A 86 11.41 2.89 4.15
CA ASN A 86 11.39 3.58 2.84
CA ASN A 86 11.31 3.39 2.82
C ASN A 86 12.76 3.68 2.25
N ALA A 87 13.74 4.07 3.08
CA ALA A 87 15.11 4.04 2.58
C ALA A 87 15.63 2.62 2.26
N ILE A 88 15.29 1.62 3.09
CA ILE A 88 15.83 0.26 2.86
C ILE A 88 15.35 -0.28 1.49
N ILE A 89 14.05 -0.13 1.19
CA ILE A 89 13.54 -0.65 -0.08
C ILE A 89 14.07 0.09 -1.31
N HIS A 90 14.55 1.33 -1.13
CA HIS A 90 15.11 2.13 -2.21
C HIS A 90 16.57 1.98 -2.37
N LYS A 91 17.32 1.94 -1.27
CA LYS A 91 18.78 1.93 -1.36
C LYS A 91 19.44 0.64 -0.78
N GLY A 92 18.65 -0.21 -0.13
CA GLY A 92 19.15 -1.47 0.42
C GLY A 92 19.51 -1.31 1.89
N PHE A 93 19.83 -2.41 2.54
CA PHE A 93 20.39 -2.36 3.89
C PHE A 93 21.80 -1.84 3.86
N ASP A 94 22.17 -1.06 4.88
CA ASP A 94 23.56 -0.70 5.13
C ASP A 94 23.84 -0.44 6.63
N GLU A 95 25.09 -0.14 6.99
CA GLU A 95 25.45 0.29 8.40
C GLU A 95 24.46 1.29 9.17
N ARG A 96 23.86 2.25 8.48
CA ARG A 96 22.91 3.14 9.13
C ARG A 96 21.65 2.39 9.59
N HIS A 97 21.52 1.13 9.17
CA HIS A 97 20.45 0.20 9.65
C HIS A 97 20.97 -0.79 10.73
N ALA A 98 22.24 -0.58 11.12
CA ALA A 98 22.85 -1.37 12.20
C ALA A 98 22.38 -0.87 13.57
N TYR A 99 22.05 -1.83 14.41
CA TYR A 99 21.61 -1.58 15.74
C TYR A 99 22.90 -1.62 16.59
N ILE A 100 23.51 -0.43 16.76
CA ILE A 100 24.78 -0.26 17.52
C ILE A 100 24.75 -0.94 18.89
N GLY A 101 23.65 -0.78 19.63
CA GLY A 101 23.57 -1.32 20.97
C GLY A 101 23.00 -2.72 21.13
N GLY A 102 22.84 -3.49 20.05
CA GLY A 102 22.19 -4.79 20.18
C GLY A 102 23.04 -5.80 20.92
N MET A 103 22.39 -6.81 21.49
CA MET A 103 23.07 -7.89 22.22
C MET A 103 24.21 -8.65 21.49
N PHE A 104 24.26 -8.61 20.16
CA PHE A 104 25.20 -9.42 19.36
C PHE A 104 26.15 -8.54 18.54
N GLY A 105 26.33 -7.35 19.05
CA GLY A 105 27.19 -6.37 18.42
C GLY A 105 26.48 -5.60 17.32
N ALA A 106 27.18 -4.61 16.79
CA ALA A 106 26.56 -3.67 15.90
C ALA A 106 26.40 -4.31 14.53
N GLY A 107 25.18 -4.75 14.22
CA GLY A 107 24.91 -5.28 12.89
C GLY A 107 23.44 -5.09 12.63
N ILE A 108 22.95 -5.78 11.63
CA ILE A 108 21.57 -5.62 11.16
C ILE A 108 20.80 -6.86 11.69
N TYR A 109 19.74 -6.64 12.43
CA TYR A 109 18.98 -7.65 13.16
C TYR A 109 17.70 -8.03 12.47
N PHE A 110 17.38 -9.33 12.48
CA PHE A 110 16.18 -9.90 11.86
C PHE A 110 15.57 -10.87 12.82
N ALA A 111 14.27 -11.15 12.68
CA ALA A 111 13.65 -12.06 13.63
C ALA A 111 12.78 -13.09 12.92
N GLU A 112 12.71 -14.29 13.48
CA GLU A 112 11.64 -15.24 13.13
C GLU A 112 10.27 -14.88 13.62
N ASN A 113 10.12 -14.20 14.77
CA ASN A 113 8.82 -13.79 15.23
C ASN A 113 8.45 -12.47 14.59
N SER A 114 7.37 -12.42 13.82
CA SER A 114 6.98 -11.12 13.27
C SER A 114 6.76 -10.13 14.43
N SER A 115 6.22 -10.61 15.52
CA SER A 115 5.90 -9.68 16.64
C SER A 115 7.12 -9.07 17.32
N LYS A 116 8.26 -9.77 17.22
CA LYS A 116 9.56 -9.22 17.69
C LYS A 116 9.92 -8.03 16.72
N SER A 117 9.83 -8.24 15.39
CA SER A 117 10.19 -7.14 14.48
C SER A 117 9.22 -5.96 14.61
N ASN A 118 7.98 -6.26 14.97
CA ASN A 118 6.98 -5.20 15.18
C ASN A 118 7.35 -4.25 16.30
N GLN A 119 8.09 -4.77 17.29
CA GLN A 119 8.60 -3.90 18.35
C GLN A 119 9.52 -2.77 17.86
N TYR A 120 10.08 -2.89 16.67
CA TYR A 120 11.09 -1.93 16.16
C TYR A 120 10.58 -0.97 15.05
N VAL A 121 9.32 -1.17 14.67
CA VAL A 121 8.70 -0.41 13.59
C VAL A 121 8.79 1.13 13.89
N TYR A 122 8.48 1.53 15.11
CA TYR A 122 8.58 2.94 15.47
C TYR A 122 9.90 3.39 16.14
N GLY A 123 10.89 2.54 16.16
CA GLY A 123 12.20 2.88 16.72
C GLY A 123 12.57 1.78 17.73
N ILE A 124 13.76 1.87 18.32
CA ILE A 124 14.20 0.95 19.36
C ILE A 124 13.23 0.97 20.54
N GLY A 125 12.78 -0.21 20.96
CA GLY A 125 11.80 -0.32 22.06
C GLY A 125 10.52 0.41 21.70
N GLY A 126 10.20 0.54 20.40
CA GLY A 126 8.90 1.14 19.94
C GLY A 126 9.03 2.65 19.86
N GLY A 127 10.21 3.20 20.19
CA GLY A 127 10.41 4.68 20.22
C GLY A 127 9.29 5.36 21.00
N THR A 128 8.71 6.42 20.45
CA THR A 128 7.56 7.08 21.09
C THR A 128 6.26 6.68 20.39
N GLY A 129 6.22 5.53 19.72
CA GLY A 129 4.96 5.08 19.13
C GLY A 129 4.67 5.67 17.75
N CYS A 130 3.43 5.51 17.26
CA CYS A 130 3.03 6.05 15.96
C CYS A 130 3.26 7.61 15.88
N PRO A 131 3.58 8.13 14.69
CA PRO A 131 3.84 9.58 14.64
C PRO A 131 2.56 10.40 14.95
N VAL A 132 1.38 9.88 14.63
CA VAL A 132 0.14 10.64 14.84
C VAL A 132 -0.39 10.69 16.27
N HIS A 133 -0.31 9.58 17.02
CA HIS A 133 -0.93 9.56 18.32
C HIS A 133 0.11 9.34 19.44
N LYS A 134 1.37 9.13 19.11
CA LYS A 134 2.38 8.80 20.10
C LYS A 134 2.00 7.59 20.91
N ASP A 135 1.46 6.58 20.24
CA ASP A 135 0.92 5.42 20.92
C ASP A 135 1.63 4.13 20.40
N ARG A 136 2.47 3.51 21.23
CA ARG A 136 3.14 2.27 20.84
C ARG A 136 2.15 1.12 20.55
N SER A 137 0.94 1.19 21.10
CA SER A 137 -0.09 0.15 20.83
C SER A 137 -1.16 0.70 19.87
N CYS A 138 -0.79 1.67 19.03
CA CYS A 138 -1.81 2.31 18.17
C CYS A 138 -2.51 1.22 17.31
N TYR A 139 -3.86 1.17 17.29
CA TYR A 139 -4.64 0.23 16.48
C TYR A 139 -5.13 0.86 15.15
N ILE A 140 -4.88 2.14 14.99
CA ILE A 140 -5.36 2.91 13.81
C ILE A 140 -4.28 3.11 12.73
N CYS A 141 -3.09 3.52 13.13
CA CYS A 141 -2.06 3.90 12.16
C CYS A 141 -1.53 2.67 11.46
N HIS A 142 -1.14 2.86 10.20
CA HIS A 142 -0.63 1.79 9.39
C HIS A 142 0.86 1.58 9.72
N ARG A 143 1.25 0.33 9.98
CA ARG A 143 2.67 -0.06 10.22
C ARG A 143 3.17 -0.79 9.00
N GLN A 144 4.50 -0.86 8.83
CA GLN A 144 5.05 -1.69 7.76
C GLN A 144 6.19 -2.51 8.30
N LEU A 145 6.33 -3.77 7.83
CA LEU A 145 7.46 -4.67 8.15
C LEU A 145 8.03 -5.12 6.82
N LEU A 146 9.32 -5.48 6.79
CA LEU A 146 9.87 -6.20 5.65
C LEU A 146 9.95 -7.70 5.96
N PHE A 147 9.73 -8.54 4.96
CA PHE A 147 9.92 -9.98 5.14
C PHE A 147 11.04 -10.22 4.14
N CYS A 148 12.23 -10.50 4.64
CA CYS A 148 13.46 -10.39 3.82
C CYS A 148 14.16 -11.72 3.52
N ARG A 149 14.87 -11.78 2.39
CA ARG A 149 15.76 -12.87 2.12
C ARG A 149 17.08 -12.54 2.85
N VAL A 150 17.53 -13.46 3.71
CA VAL A 150 18.73 -13.26 4.50
C VAL A 150 19.70 -14.47 4.34
N THR A 151 20.90 -14.18 3.84
CA THR A 151 21.98 -15.16 3.76
C THR A 151 22.74 -15.27 5.09
N LEU A 152 22.61 -16.38 5.79
CA LEU A 152 23.30 -16.53 7.04
C LEU A 152 24.72 -17.18 6.93
N GLY A 153 24.96 -17.95 5.88
CA GLY A 153 26.20 -18.70 5.72
C GLY A 153 26.45 -19.56 6.93
N LYS A 154 27.70 -19.58 7.37
CA LYS A 154 28.09 -20.28 8.61
C LYS A 154 27.73 -19.42 9.78
N SER A 155 26.71 -19.80 10.53
CA SER A 155 26.21 -18.88 11.53
C SER A 155 26.73 -19.21 12.90
N PHE A 156 27.26 -18.21 13.59
CA PHE A 156 27.75 -18.46 14.93
C PHE A 156 26.57 -18.54 15.89
N LEU A 157 26.38 -19.68 16.54
CA LEU A 157 25.31 -19.81 17.51
C LEU A 157 25.60 -19.18 18.84
N GLN A 158 24.75 -18.23 19.27
CA GLN A 158 24.93 -17.58 20.55
C GLN A 158 23.66 -17.74 21.35
N PHE A 159 23.71 -18.47 22.44
CA PHE A 159 22.50 -18.59 23.25
C PHE A 159 22.38 -17.32 24.01
N SER A 160 21.15 -16.83 24.18
CA SER A 160 20.88 -15.59 24.87
C SER A 160 20.05 -15.97 26.05
N ALA A 161 20.14 -15.15 27.08
CA ALA A 161 19.46 -15.43 28.33
C ALA A 161 17.98 -15.02 28.33
N MET A 162 17.43 -14.57 27.19
CA MET A 162 16.01 -14.16 27.03
C MET A 162 14.94 -15.32 27.07
N MET A 164 29.75 -0.55 12.09
CA MET A 164 29.35 -1.97 12.00
C MET A 164 30.47 -2.96 12.44
N ALA A 165 30.13 -3.91 13.33
CA ALA A 165 31.08 -4.92 13.81
C ALA A 165 31.35 -5.97 12.75
N HIS A 166 31.98 -7.08 13.16
CA HIS A 166 32.23 -8.16 12.22
C HIS A 166 31.61 -9.44 12.73
N SER A 167 31.28 -10.34 11.81
CA SER A 167 30.98 -11.73 12.17
C SER A 167 32.17 -12.29 12.94
N PRO A 168 31.93 -13.20 13.92
CA PRO A 168 33.08 -13.92 14.48
C PRO A 168 33.87 -14.60 13.35
N PRO A 169 35.18 -14.67 13.53
CA PRO A 169 36.08 -15.29 12.56
C PRO A 169 35.55 -16.62 12.00
N GLY A 170 35.62 -16.78 10.69
CA GLY A 170 35.10 -17.99 10.06
C GLY A 170 33.57 -18.10 9.96
N HIS A 171 32.81 -17.06 10.35
CA HIS A 171 31.33 -17.13 10.28
C HIS A 171 30.79 -15.97 9.45
N HIS A 172 29.53 -16.03 9.04
CA HIS A 172 29.00 -14.95 8.14
C HIS A 172 27.81 -14.25 8.81
N SER A 173 27.52 -14.66 10.04
CA SER A 173 26.40 -14.09 10.81
C SER A 173 26.39 -14.67 12.17
N VAL A 174 25.45 -14.18 12.97
CA VAL A 174 25.17 -14.69 14.29
C VAL A 174 23.68 -15.06 14.47
N THR A 175 23.46 -16.22 15.05
CA THR A 175 22.14 -16.72 15.49
C THR A 175 22.04 -16.45 16.99
N GLY A 176 21.09 -15.62 17.36
CA GLY A 176 20.81 -15.24 18.73
C GLY A 176 19.61 -16.06 19.14
N ARG A 177 19.83 -17.08 19.99
CA ARG A 177 18.79 -18.04 20.30
C ARG A 177 18.35 -17.97 21.74
N PRO A 178 17.08 -17.51 22.01
CA PRO A 178 16.62 -17.42 23.38
C PRO A 178 16.70 -18.78 24.07
N SER A 179 17.31 -18.81 25.25
CA SER A 179 17.46 -20.09 25.99
C SER A 179 16.52 -20.19 27.18
N VAL A 180 15.81 -19.10 27.53
CA VAL A 180 14.90 -19.16 28.69
C VAL A 180 13.43 -19.21 28.25
N ASN A 181 13.03 -18.27 27.39
CA ASN A 181 11.64 -18.29 26.93
C ASN A 181 11.54 -19.38 25.86
N GLY A 182 10.92 -20.51 26.19
CA GLY A 182 10.96 -21.65 25.26
C GLY A 182 10.09 -21.40 24.02
N LEU A 183 9.28 -20.33 24.01
CA LEU A 183 8.43 -20.05 22.83
C LEU A 183 8.97 -18.91 21.95
N ALA A 184 10.08 -18.33 22.38
CA ALA A 184 10.64 -17.25 21.63
C ALA A 184 11.52 -17.84 20.57
N LEU A 185 11.31 -17.40 19.31
CA LEU A 185 12.14 -17.87 18.22
C LEU A 185 13.46 -17.09 18.11
N ALA A 186 14.28 -17.45 17.13
CA ALA A 186 15.68 -16.93 17.08
C ALA A 186 15.66 -15.55 16.43
N GLU A 187 16.69 -14.74 16.75
CA GLU A 187 17.05 -13.58 15.95
C GLU A 187 18.38 -13.82 15.28
N TYR A 188 18.68 -13.05 14.23
CA TYR A 188 19.89 -13.26 13.46
C TYR A 188 20.47 -11.91 13.14
N VAL A 189 21.80 -11.82 13.05
CA VAL A 189 22.48 -10.55 12.83
C VAL A 189 23.44 -10.80 11.72
N ILE A 190 23.43 -9.91 10.72
CA ILE A 190 24.38 -9.92 9.69
C ILE A 190 25.19 -8.60 9.80
N TYR A 191 26.37 -8.59 9.21
CA TYR A 191 27.30 -7.48 9.35
C TYR A 191 27.63 -6.80 8.01
N ARG A 192 26.96 -7.21 6.94
CA ARG A 192 27.14 -6.63 5.60
C ARG A 192 25.70 -6.45 5.02
N GLY A 193 25.38 -5.25 4.52
CA GLY A 193 24.05 -4.94 4.00
C GLY A 193 23.70 -5.82 2.82
N GLU A 194 24.71 -6.25 2.10
CA GLU A 194 24.47 -7.07 0.88
C GLU A 194 24.04 -8.50 1.24
N GLN A 195 24.07 -8.86 2.52
CA GLN A 195 23.56 -10.18 2.90
C GLN A 195 22.06 -10.29 3.16
N ALA A 196 21.28 -9.25 2.81
CA ALA A 196 19.82 -9.32 2.95
C ALA A 196 19.16 -8.58 1.78
N TYR A 197 17.99 -9.05 1.38
CA TYR A 197 17.22 -8.37 0.32
C TYR A 197 15.81 -8.18 0.84
N PRO A 198 15.30 -6.92 0.87
CA PRO A 198 13.94 -6.69 1.36
C PRO A 198 12.87 -7.13 0.35
N GLU A 199 12.57 -8.43 0.28
CA GLU A 199 11.73 -9.00 -0.76
C GLU A 199 10.28 -8.57 -0.65
N TYR A 200 9.68 -8.55 0.55
CA TYR A 200 8.29 -8.13 0.67
C TYR A 200 8.10 -7.00 1.64
N LEU A 201 7.20 -6.10 1.28
CA LEU A 201 6.88 -4.95 2.14
C LEU A 201 5.45 -5.20 2.61
N ILE A 202 5.23 -5.34 3.92
CA ILE A 202 3.91 -5.71 4.46
C ILE A 202 3.37 -4.51 5.20
N THR A 203 2.16 -4.07 4.82
CA THR A 203 1.49 -2.96 5.48
C THR A 203 0.33 -3.53 6.27
N TYR A 204 0.21 -3.12 7.56
CA TYR A 204 -0.69 -3.79 8.49
C TYR A 204 -1.06 -2.90 9.68
N GLN A 205 -2.09 -3.32 10.42
CA GLN A 205 -2.36 -2.80 11.75
C GLN A 205 -2.31 -3.91 12.76
N ILE A 206 -1.90 -3.63 14.01
CA ILE A 206 -2.10 -4.63 15.05
C ILE A 206 -3.59 -4.56 15.39
N MET A 207 -4.17 -5.68 15.82
CA MET A 207 -5.59 -5.70 16.18
C MET A 207 -5.83 -5.77 17.68
N ARG A 208 -6.81 -4.99 18.10
CA ARG A 208 -7.05 -4.97 19.54
C ARG A 208 -7.70 -6.31 19.93
N PRO A 209 -7.18 -6.98 20.99
CA PRO A 209 -7.78 -8.30 21.36
C PRO A 209 -9.25 -8.15 21.76
N GLU A 210 -10.08 -9.07 21.31
CA GLU A 210 -11.53 -9.07 21.63
C GLU A 210 -11.77 -9.49 23.07
N GLY B 1 -32.95 6.13 -18.92
CA GLY B 1 -32.81 7.20 -17.92
C GLY B 1 -31.66 8.07 -18.38
N THR B 2 -30.50 7.45 -18.62
CA THR B 2 -29.31 8.27 -18.77
C THR B 2 -29.12 8.79 -20.17
N ILE B 3 -28.79 10.05 -20.31
CA ILE B 3 -28.36 10.48 -21.66
C ILE B 3 -26.97 11.14 -21.52
N LEU B 4 -26.14 11.06 -22.56
CA LEU B 4 -24.79 11.58 -22.54
C LEU B 4 -24.72 12.77 -23.47
N ILE B 5 -24.23 13.90 -22.99
CA ILE B 5 -24.08 15.08 -23.87
C ILE B 5 -22.59 15.30 -24.12
N ASP B 6 -22.21 15.32 -25.39
CA ASP B 6 -20.81 15.57 -25.77
C ASP B 6 -20.43 16.99 -25.57
N LEU B 7 -19.29 17.21 -24.90
CA LEU B 7 -18.82 18.59 -24.77
C LEU B 7 -17.90 18.90 -25.93
N SER B 8 -17.92 20.14 -26.40
CA SER B 8 -17.05 20.52 -27.50
C SER B 8 -15.64 20.78 -26.95
N PRO B 9 -14.60 20.32 -27.66
CA PRO B 9 -13.24 20.65 -27.23
C PRO B 9 -12.96 22.18 -27.19
N ASP B 10 -13.81 22.96 -27.86
CA ASP B 10 -13.71 24.42 -27.79
C ASP B 10 -14.41 25.02 -26.57
N ASP B 11 -15.18 24.22 -25.83
CA ASP B 11 -15.95 24.70 -24.68
C ASP B 11 -14.98 24.74 -23.49
N LYS B 12 -15.07 25.81 -22.69
CA LYS B 12 -14.22 25.91 -21.47
C LYS B 12 -14.50 24.76 -20.46
N GLU B 13 -15.74 24.26 -20.40
CA GLU B 13 -16.03 23.17 -19.51
C GLU B 13 -15.15 21.91 -19.89
N PHE B 14 -15.11 21.61 -21.20
CA PHE B 14 -14.27 20.54 -21.73
C PHE B 14 -12.79 20.75 -21.36
N GLN B 15 -12.27 21.94 -21.60
CA GLN B 15 -10.88 22.22 -21.32
C GLN B 15 -10.57 22.16 -19.81
N SER B 16 -11.44 22.68 -18.96
CA SER B 16 -11.17 22.56 -17.51
C SER B 16 -11.21 21.10 -17.03
N VAL B 17 -12.13 20.27 -17.54
CA VAL B 17 -12.07 18.83 -17.20
C VAL B 17 -10.81 18.15 -17.72
N GLU B 18 -10.41 18.41 -18.98
CA GLU B 18 -9.17 17.88 -19.47
C GLU B 18 -8.00 18.34 -18.57
N GLU B 19 -8.01 19.61 -18.20
CA GLU B 19 -6.95 20.12 -17.35
C GLU B 19 -6.82 19.34 -16.02
N GLU B 20 -7.93 19.11 -15.33
CA GLU B 20 -7.95 18.31 -14.12
C GLU B 20 -7.34 16.92 -14.34
N MET B 21 -7.70 16.26 -15.46
CA MET B 21 -7.07 14.99 -15.89
C MET B 21 -5.57 15.10 -16.03
N GLN B 22 -5.09 15.99 -16.89
CA GLN B 22 -3.66 16.05 -17.28
C GLN B 22 -2.82 16.51 -16.08
N SER B 23 -3.33 17.47 -15.31
CA SER B 23 -2.49 18.06 -14.24
C SER B 23 -2.35 17.16 -12.99
N THR B 24 -3.10 16.08 -12.94
CA THR B 24 -3.05 15.24 -11.76
C THR B 24 -2.49 13.84 -12.08
N VAL B 25 -1.76 13.71 -13.20
CA VAL B 25 -0.97 12.49 -13.47
C VAL B 25 0.25 12.61 -12.57
N ARG B 26 0.67 11.47 -12.02
CA ARG B 26 1.89 11.41 -11.24
C ARG B 26 2.55 10.11 -11.56
N GLU B 27 3.81 9.94 -11.13
CA GLU B 27 4.43 8.61 -11.21
C GLU B 27 3.90 7.69 -10.09
N HIS B 28 3.81 6.40 -10.40
CA HIS B 28 3.28 5.44 -9.46
C HIS B 28 4.40 4.49 -8.99
N ARG B 29 4.29 4.01 -7.76
CA ARG B 29 5.30 3.17 -7.12
C ARG B 29 5.51 1.81 -7.78
N ASP B 30 4.55 1.40 -8.63
CA ASP B 30 4.60 0.13 -9.36
C ASP B 30 5.25 0.26 -10.70
N GLY B 31 5.85 1.43 -10.96
CA GLY B 31 6.60 1.68 -12.19
C GLY B 31 5.72 1.64 -13.44
N GLY B 32 4.40 1.71 -13.27
CA GLY B 32 3.48 1.65 -14.46
C GLY B 32 2.85 0.27 -14.61
N HIS B 33 3.16 -0.68 -13.71
CA HIS B 33 2.63 -2.03 -13.82
C HIS B 33 1.08 -2.05 -13.98
N ALA B 34 0.33 -1.36 -13.12
CA ALA B 34 -1.15 -1.41 -13.14
C ALA B 34 -1.74 -0.59 -14.27
N GLY B 35 -1.33 0.68 -14.40
CA GLY B 35 -2.05 1.63 -15.27
C GLY B 35 -1.32 1.93 -16.55
N GLY B 36 -0.08 1.50 -16.62
CA GLY B 36 0.77 1.71 -17.79
C GLY B 36 1.80 2.82 -17.62
N ILE B 37 2.63 3.03 -18.64
CA ILE B 37 3.70 4.07 -18.53
C ILE B 37 3.37 5.27 -19.38
N PHE B 38 3.19 6.43 -18.76
CA PHE B 38 2.79 7.64 -19.49
C PHE B 38 2.97 8.83 -18.58
N ASN B 39 3.11 10.02 -19.17
CA ASN B 39 3.03 11.29 -18.43
C ASN B 39 1.79 12.11 -18.77
N ARG B 40 1.05 11.75 -19.84
CA ARG B 40 -0.14 12.55 -20.16
C ARG B 40 -1.11 11.69 -20.96
N TYR B 41 -2.35 12.22 -21.17
CA TYR B 41 -3.33 11.50 -21.96
C TYR B 41 -3.61 12.15 -23.30
N ASN B 42 -4.19 11.35 -24.19
CA ASN B 42 -4.84 11.89 -25.38
C ASN B 42 -6.34 11.81 -25.08
N ILE B 43 -6.94 12.95 -24.87
CA ILE B 43 -8.32 12.94 -24.47
C ILE B 43 -9.15 12.83 -25.74
N LEU B 44 -10.10 11.90 -25.82
CA LEU B 44 -10.83 11.64 -27.08
C LEU B 44 -12.23 12.17 -27.05
N LYS B 45 -12.83 12.17 -25.88
CA LYS B 45 -14.22 12.62 -25.74
C LYS B 45 -14.48 12.93 -24.27
N ILE B 46 -15.25 13.97 -24.00
CA ILE B 46 -15.78 14.19 -22.70
C ILE B 46 -17.26 14.40 -22.78
N GLN B 47 -17.99 13.59 -22.02
CA GLN B 47 -19.43 13.66 -22.00
C GLN B 47 -19.99 13.97 -20.63
N LYS B 48 -20.96 14.85 -20.58
CA LYS B 48 -21.78 15.03 -19.45
C LYS B 48 -22.87 13.94 -19.29
N VAL B 49 -22.94 13.34 -18.11
CA VAL B 49 -23.86 12.23 -17.88
C VAL B 49 -25.10 12.84 -17.22
N CYS B 50 -26.27 12.60 -17.79
CA CYS B 50 -27.48 13.32 -17.35
CA CYS B 50 -27.47 13.30 -17.32
C CYS B 50 -28.54 12.31 -17.03
N ASN B 51 -28.94 12.24 -15.76
CA ASN B 51 -29.96 11.27 -15.36
C ASN B 51 -30.67 11.87 -14.17
N LYS B 52 -31.89 12.31 -14.42
CA LYS B 52 -32.66 13.05 -13.44
C LYS B 52 -32.93 12.19 -12.17
N LYS B 53 -33.27 10.91 -12.32
CA LYS B 53 -33.46 10.08 -11.11
C LYS B 53 -32.16 9.92 -10.30
N LEU B 54 -31.04 9.66 -10.99
CA LEU B 54 -29.78 9.54 -10.28
C LEU B 54 -29.30 10.84 -9.61
N TRP B 55 -29.55 11.98 -10.24
CA TRP B 55 -29.16 13.29 -9.73
C TRP B 55 -29.99 13.57 -8.44
N GLU B 56 -31.30 13.27 -8.48
CA GLU B 56 -32.14 13.62 -7.33
C GLU B 56 -31.80 12.72 -6.15
N ARG B 57 -31.43 11.51 -6.46
CA ARG B 57 -31.01 10.55 -5.44
C ARG B 57 -29.71 11.07 -4.80
N TYR B 58 -28.80 11.65 -5.60
CA TYR B 58 -27.58 12.22 -5.08
C TYR B 58 -27.84 13.49 -4.28
N THR B 59 -28.61 14.43 -4.85
CA THR B 59 -28.80 15.68 -4.12
C THR B 59 -29.69 15.46 -2.87
N HIS B 60 -30.50 14.42 -2.86
CA HIS B 60 -31.27 14.14 -1.68
C HIS B 60 -30.29 13.71 -0.57
N ARG B 61 -29.36 12.82 -0.88
CA ARG B 61 -28.35 12.43 0.11
C ARG B 61 -27.43 13.60 0.53
N ARG B 62 -27.04 14.42 -0.45
CA ARG B 62 -26.18 15.57 -0.19
C ARG B 62 -26.75 16.55 0.88
N LYS B 63 -28.05 16.84 0.77
CA LYS B 63 -28.80 17.71 1.74
C LYS B 63 -28.76 17.05 3.14
N GLU B 64 -29.06 15.74 3.19
CA GLU B 64 -29.00 14.99 4.44
C GLU B 64 -27.64 15.08 5.06
N VAL B 65 -26.59 14.79 4.30
CA VAL B 65 -25.25 14.86 4.85
C VAL B 65 -24.92 16.28 5.30
N SER B 66 -25.29 17.24 4.46
CA SER B 66 -25.03 18.65 4.72
C SER B 66 -25.55 19.05 6.12
N GLU B 67 -26.81 18.73 6.38
CA GLU B 67 -27.48 18.99 7.67
C GLU B 67 -26.82 18.37 8.88
N GLU B 68 -26.15 17.24 8.70
CA GLU B 68 -25.46 16.56 9.80
C GLU B 68 -24.06 17.06 9.92
N ASN B 69 -23.68 17.90 9.02
CA ASN B 69 -22.38 18.37 9.12
C ASN B 69 -22.64 19.83 9.32
N HIS B 70 -21.61 20.58 9.62
CA HIS B 70 -21.84 21.91 10.16
C HIS B 70 -22.23 22.75 8.93
N ASN B 71 -23.48 22.48 8.52
CA ASN B 71 -24.04 22.71 7.20
C ASN B 71 -23.15 22.66 5.93
N HIS B 72 -22.34 21.64 5.84
CA HIS B 72 -21.27 21.60 4.88
C HIS B 72 -21.29 20.23 4.25
N ALA B 73 -21.74 20.18 3.02
CA ALA B 73 -21.69 18.93 2.23
C ALA B 73 -20.27 18.38 2.06
N ASN B 74 -19.27 19.27 2.02
CA ASN B 74 -17.89 18.90 1.74
C ASN B 74 -17.85 18.13 0.42
N GLU B 75 -18.44 18.75 -0.61
CA GLU B 75 -18.50 18.14 -1.94
C GLU B 75 -17.22 18.34 -2.73
N ARG B 76 -16.72 17.27 -3.35
CA ARG B 76 -15.50 17.34 -4.15
C ARG B 76 -15.73 16.77 -5.58
N MET B 77 -14.82 17.05 -6.51
CA MET B 77 -14.80 16.37 -7.83
C MET B 77 -13.60 15.48 -7.83
N LEU B 78 -13.83 14.19 -8.00
CA LEU B 78 -12.78 13.21 -7.90
C LEU B 78 -12.93 12.17 -9.03
N PHE B 79 -11.82 11.49 -9.36
CA PHE B 79 -11.84 10.48 -10.42
C PHE B 79 -12.25 9.12 -9.85
N HIS B 80 -12.88 8.33 -10.73
CA HIS B 80 -13.17 6.97 -10.44
C HIS B 80 -12.91 6.12 -11.69
N GLY B 81 -12.01 5.13 -11.56
CA GLY B 81 -11.74 4.20 -12.71
C GLY B 81 -12.41 2.87 -12.37
N SER B 82 -13.04 2.24 -13.34
CA SER B 82 -13.69 0.93 -13.12
C SER B 82 -14.06 0.21 -14.41
N PRO B 83 -14.02 -1.16 -14.40
CA PRO B 83 -14.53 -1.87 -15.61
C PRO B 83 -16.03 -1.75 -15.72
N PHE B 84 -16.72 -1.25 -14.69
CA PHE B 84 -18.17 -1.24 -14.74
C PHE B 84 -18.74 0.13 -15.04
N VAL B 85 -17.96 0.96 -15.71
CA VAL B 85 -18.36 2.35 -15.97
C VAL B 85 -19.72 2.44 -16.67
N ASN B 86 -20.01 1.54 -17.62
CA ASN B 86 -21.30 1.52 -18.34
CA ASN B 86 -21.22 1.72 -18.34
C ASN B 86 -22.44 1.31 -17.39
N ALA B 87 -22.28 0.36 -16.48
CA ALA B 87 -23.30 0.19 -15.44
C ALA B 87 -23.45 1.38 -14.50
N ILE B 88 -22.34 2.00 -14.09
CA ILE B 88 -22.43 3.13 -13.15
C ILE B 88 -23.21 4.32 -13.74
N ILE B 89 -22.91 4.69 -15.00
CA ILE B 89 -23.60 5.83 -15.60
C ILE B 89 -25.09 5.58 -15.86
N HIS B 90 -25.50 4.30 -15.92
CA HIS B 90 -26.89 3.95 -16.17
C HIS B 90 -27.65 3.72 -14.91
N LYS B 91 -27.02 3.04 -13.94
CA LYS B 91 -27.74 2.69 -12.73
C LYS B 91 -27.20 3.35 -11.42
N GLY B 92 -26.07 4.07 -11.51
CA GLY B 92 -25.50 4.73 -10.33
C GLY B 92 -24.48 3.84 -9.65
N PHE B 93 -23.76 4.41 -8.69
CA PHE B 93 -22.90 3.63 -7.82
C PHE B 93 -23.71 2.81 -6.83
N ASP B 94 -23.23 1.61 -6.52
CA ASP B 94 -23.75 0.81 -5.41
C ASP B 94 -22.69 -0.19 -4.87
N GLU B 95 -23.01 -0.97 -3.84
CA GLU B 95 -22.07 -2.02 -3.28
C GLU B 95 -21.28 -2.97 -4.28
N ARG B 96 -21.84 -3.26 -5.45
CA ARG B 96 -21.12 -4.06 -6.42
C ARG B 96 -19.91 -3.30 -6.93
N HIS B 97 -19.91 -1.96 -6.81
CA HIS B 97 -18.78 -1.07 -7.21
C HIS B 97 -17.80 -0.78 -6.05
N ALA B 98 -18.06 -1.48 -4.92
CA ALA B 98 -17.24 -1.40 -3.73
C ALA B 98 -16.04 -2.35 -3.79
N TYR B 99 -14.92 -1.83 -3.31
CA TYR B 99 -13.68 -2.51 -3.34
C TYR B 99 -13.53 -3.24 -2.00
N ILE B 100 -13.89 -4.52 -1.98
CA ILE B 100 -13.97 -5.31 -0.74
C ILE B 100 -12.66 -5.31 0.03
N GLY B 101 -11.54 -5.44 -0.70
CA GLY B 101 -10.24 -5.53 -0.08
C GLY B 101 -9.46 -4.22 0.05
N GLY B 102 -10.12 -3.06 -0.06
CA GLY B 102 -9.38 -1.80 -0.03
C GLY B 102 -8.77 -1.50 1.33
N MET B 103 -7.74 -0.66 1.36
CA MET B 103 -7.13 -0.23 2.61
C MET B 103 -8.02 0.42 3.69
N PHE B 104 -9.17 0.95 3.29
CA PHE B 104 -10.07 1.64 4.21
C PHE B 104 -11.42 0.93 4.33
N GLY B 105 -11.37 -0.36 4.05
CA GLY B 105 -12.57 -1.17 4.17
C GLY B 105 -13.39 -1.12 2.91
N ALA B 106 -14.48 -1.89 2.93
CA ALA B 106 -15.23 -2.14 1.72
C ALA B 106 -16.13 -0.94 1.47
N GLY B 107 -15.74 -0.10 0.53
CA GLY B 107 -16.59 1.01 0.14
C GLY B 107 -16.17 1.37 -1.26
N ILE B 108 -16.62 2.53 -1.69
CA ILE B 108 -16.41 2.94 -3.08
C ILE B 108 -15.28 3.99 -3.07
N TYR B 109 -14.23 3.82 -3.87
CA TYR B 109 -12.97 4.60 -3.75
C TYR B 109 -12.89 5.58 -4.89
N PHE B 110 -12.34 6.76 -4.61
CA PHE B 110 -12.17 7.85 -5.58
C PHE B 110 -10.81 8.40 -5.37
N ALA B 111 -10.25 9.07 -6.38
CA ALA B 111 -8.89 9.58 -6.26
C ALA B 111 -8.81 11.02 -6.76
N GLU B 112 -7.98 11.81 -6.08
CA GLU B 112 -7.51 13.09 -6.67
C GLU B 112 -6.57 12.96 -7.86
N ASN B 113 -5.72 11.93 -7.91
CA ASN B 113 -4.84 11.75 -9.02
C ASN B 113 -5.61 10.99 -10.12
N SER B 114 -5.74 11.59 -11.31
CA SER B 114 -6.38 10.85 -12.39
C SER B 114 -5.60 9.55 -12.64
N SER B 115 -4.29 9.60 -12.54
CA SER B 115 -3.48 8.43 -12.89
C SER B 115 -3.64 7.29 -11.87
N LYS B 116 -4.02 7.64 -10.63
CA LYS B 116 -4.39 6.60 -9.66
C LYS B 116 -5.68 5.89 -10.16
N SER B 117 -6.73 6.67 -10.55
CA SER B 117 -7.96 6.02 -11.02
C SER B 117 -7.73 5.21 -12.30
N ASN B 118 -6.80 5.69 -13.14
CA ASN B 118 -6.39 4.93 -14.31
C ASN B 118 -5.92 3.51 -14.07
N GLN B 119 -5.25 3.31 -12.92
CA GLN B 119 -4.86 1.96 -12.49
C GLN B 119 -5.99 0.93 -12.37
N TYR B 120 -7.23 1.40 -12.25
CA TYR B 120 -8.38 0.52 -11.98
C TYR B 120 -9.34 0.33 -13.16
N VAL B 121 -9.04 1.00 -14.27
CA VAL B 121 -9.91 1.00 -15.44
C VAL B 121 -10.11 -0.45 -15.96
N TYR B 122 -9.03 -1.22 -16.01
CA TYR B 122 -9.17 -2.61 -16.40
C TYR B 122 -9.37 -3.63 -15.27
N GLY B 123 -9.59 -3.16 -14.05
CA GLY B 123 -9.74 -4.09 -12.92
C GLY B 123 -8.76 -3.73 -11.80
N ILE B 124 -8.84 -4.46 -10.70
CA ILE B 124 -7.98 -4.18 -9.56
C ILE B 124 -6.54 -4.40 -10.01
N GLY B 125 -5.68 -3.43 -9.74
CA GLY B 125 -4.27 -3.53 -10.15
C GLY B 125 -4.15 -3.61 -11.68
N GLY B 126 -5.12 -3.07 -12.45
CA GLY B 126 -5.02 -3.10 -13.93
C GLY B 126 -5.55 -4.43 -14.50
N GLY B 127 -5.98 -5.35 -13.64
CA GLY B 127 -6.49 -6.68 -14.14
C GLY B 127 -5.49 -7.30 -15.11
N THR B 128 -5.97 -7.81 -16.23
CA THR B 128 -5.11 -8.34 -17.30
C THR B 128 -4.99 -7.30 -18.43
N GLY B 129 -5.25 -6.01 -18.18
CA GLY B 129 -5.01 -5.01 -19.25
C GLY B 129 -6.19 -4.87 -20.21
N CYS B 130 -6.01 -4.15 -21.31
CA CYS B 130 -7.09 -3.99 -22.29
C CYS B 130 -7.64 -5.36 -22.77
N PRO B 131 -8.92 -5.41 -23.14
CA PRO B 131 -9.52 -6.68 -23.60
C PRO B 131 -8.89 -7.14 -24.93
N VAL B 132 -8.45 -6.22 -25.77
CA VAL B 132 -7.94 -6.62 -27.07
C VAL B 132 -6.51 -7.15 -27.09
N HIS B 133 -5.59 -6.53 -26.33
CA HIS B 133 -4.19 -6.88 -26.43
C HIS B 133 -3.67 -7.50 -25.12
N LYS B 134 -4.47 -7.57 -24.08
CA LYS B 134 -4.00 -8.02 -22.78
C LYS B 134 -2.81 -7.18 -22.30
N ASP B 135 -2.90 -5.88 -22.49
CA ASP B 135 -1.78 -5.01 -22.22
C ASP B 135 -2.20 -3.89 -21.22
N ARG B 136 -1.63 -3.89 -20.02
CA ARG B 136 -1.97 -2.87 -19.04
C ARG B 136 -1.46 -1.49 -19.45
N SER B 137 -0.44 -1.44 -20.29
CA SER B 137 0.12 -0.18 -20.79
C SER B 137 -0.35 0.07 -22.24
N CYS B 138 -1.48 -0.52 -22.63
CA CYS B 138 -1.92 -0.36 -24.02
C CYS B 138 -2.07 1.12 -24.39
N TYR B 139 -1.42 1.54 -25.51
CA TYR B 139 -1.52 2.90 -26.05
C TYR B 139 -2.56 3.08 -27.17
N ILE B 140 -3.18 1.99 -27.58
CA ILE B 140 -4.12 1.98 -28.70
C ILE B 140 -5.60 2.00 -28.23
N CYS B 141 -5.92 1.15 -27.28
CA CYS B 141 -7.32 0.95 -26.87
C CYS B 141 -7.80 2.16 -26.09
N HIS B 142 -9.07 2.45 -26.27
CA HIS B 142 -9.76 3.54 -25.57
C HIS B 142 -10.12 3.17 -24.14
N ARG B 143 -9.67 3.98 -23.20
CA ARG B 143 -10.01 3.86 -21.76
C ARG B 143 -11.13 4.85 -21.40
N GLN B 144 -11.86 4.59 -20.32
CA GLN B 144 -12.80 5.58 -19.83
C GLN B 144 -12.64 5.76 -18.36
N LEU B 145 -12.74 7.00 -17.87
CA LEU B 145 -12.72 7.34 -16.41
C LEU B 145 -13.97 8.15 -16.15
N LEU B 146 -14.47 8.12 -14.90
CA LEU B 146 -15.49 9.07 -14.47
C LEU B 146 -14.88 10.20 -13.64
N PHE B 147 -15.39 11.42 -13.80
CA PHE B 147 -14.95 12.55 -12.92
C PHE B 147 -16.25 12.89 -12.20
N CYS B 148 -16.29 12.57 -10.92
CA CYS B 148 -17.56 12.48 -10.19
C CYS B 148 -17.75 13.54 -9.11
N ARG B 149 -19.02 13.92 -8.88
CA ARG B 149 -19.33 14.74 -7.74
C ARG B 149 -19.39 13.78 -6.54
N VAL B 150 -18.61 14.05 -5.47
CA VAL B 150 -18.62 13.18 -4.29
C VAL B 150 -18.90 14.00 -2.99
N THR B 151 -19.96 13.63 -2.26
CA THR B 151 -20.22 14.24 -0.96
C THR B 151 -19.40 13.56 0.16
N LEU B 152 -18.44 14.25 0.75
CA LEU B 152 -17.67 13.64 1.81
C LEU B 152 -18.24 13.85 3.27
N GLY B 153 -19.01 14.91 3.48
CA GLY B 153 -19.51 15.31 4.80
C GLY B 153 -18.36 15.42 5.73
N LYS B 154 -18.54 14.92 6.94
CA LYS B 154 -17.45 14.87 7.90
C LYS B 154 -16.54 13.71 7.61
N SER B 155 -15.34 13.99 7.17
CA SER B 155 -14.53 12.91 6.65
C SER B 155 -13.47 12.48 7.65
N PHE B 156 -13.42 11.19 7.89
CA PHE B 156 -12.48 10.67 8.84
C PHE B 156 -11.10 10.63 8.18
N LEU B 157 -10.16 11.39 8.72
CA LEU B 157 -8.79 11.36 8.26
C LEU B 157 -7.97 10.18 8.65
N GLN B 158 -7.56 9.37 7.66
CA GLN B 158 -6.71 8.19 7.92
C GLN B 158 -5.43 8.39 7.17
N PHE B 159 -4.31 8.52 7.88
CA PHE B 159 -3.05 8.62 7.16
C PHE B 159 -2.68 7.23 6.72
N SER B 160 -2.10 7.09 5.53
CA SER B 160 -1.76 5.78 5.01
C SER B 160 -0.26 5.78 4.86
N ALA B 161 0.32 4.60 4.90
CA ALA B 161 1.76 4.48 4.82
C ALA B 161 2.37 4.57 3.38
N MET B 162 1.55 4.91 2.37
CA MET B 162 1.97 4.99 0.94
C MET B 162 2.72 6.30 0.51
N MET B 164 -20.75 -4.11 1.98
CA MET B 164 -20.28 -2.73 2.18
C MET B 164 -20.07 -2.47 3.69
N ALA B 165 -19.03 -1.75 4.04
CA ALA B 165 -18.72 -1.38 5.42
C ALA B 165 -19.41 -0.12 5.79
N HIS B 166 -19.03 0.46 6.91
CA HIS B 166 -19.67 1.69 7.34
C HIS B 166 -18.61 2.75 7.52
N SER B 167 -19.03 4.01 7.38
CA SER B 167 -18.23 5.15 7.81
C SER B 167 -17.93 4.97 9.30
N PRO B 168 -16.77 5.45 9.77
CA PRO B 168 -16.61 5.55 11.23
C PRO B 168 -17.77 6.34 11.85
N PRO B 169 -18.14 6.00 13.09
CA PRO B 169 -19.25 6.68 13.76
C PRO B 169 -19.07 8.20 13.71
N GLY B 170 -20.16 8.91 13.49
CA GLY B 170 -20.06 10.36 13.39
C GLY B 170 -19.50 10.89 12.07
N HIS B 171 -19.08 10.01 11.13
CA HIS B 171 -18.42 10.50 9.88
C HIS B 171 -19.17 9.98 8.65
N HIS B 172 -18.93 10.56 7.50
CA HIS B 172 -19.73 10.22 6.30
C HIS B 172 -18.87 9.64 5.20
N SER B 173 -17.57 9.57 5.49
CA SER B 173 -16.58 9.06 4.52
C SER B 173 -15.25 8.93 5.18
N VAL B 174 -14.29 8.45 4.42
CA VAL B 174 -12.91 8.39 4.84
C VAL B 174 -12.00 9.04 3.80
N THR B 175 -11.06 9.84 4.31
CA THR B 175 -9.94 10.44 3.54
C THR B 175 -8.72 9.59 3.83
N GLY B 176 -8.15 8.99 2.78
CA GLY B 176 -6.98 8.15 2.84
C GLY B 176 -5.85 9.02 2.32
N ARG B 177 -4.99 9.51 3.23
CA ARG B 177 -3.99 10.46 2.83
C ARG B 177 -2.60 9.87 2.85
N PRO B 178 -1.93 9.75 1.66
CA PRO B 178 -0.59 9.22 1.67
C PRO B 178 0.36 10.06 2.56
N SER B 179 1.07 9.40 3.47
CA SER B 179 1.98 10.10 4.36
C SER B 179 3.46 9.91 4.00
N VAL B 180 3.76 9.01 3.05
CA VAL B 180 5.20 8.80 2.70
C VAL B 180 5.52 9.46 1.35
N ASN B 181 4.67 9.21 0.34
CA ASN B 181 4.92 9.81 -0.97
C ASN B 181 4.33 11.22 -0.93
N GLY B 182 5.21 12.21 -0.86
CA GLY B 182 4.74 13.57 -0.62
C GLY B 182 4.06 14.14 -1.87
N LEU B 183 4.19 13.45 -3.01
CA LEU B 183 3.51 13.92 -4.24
C LEU B 183 2.20 13.19 -4.57
N ALA B 184 1.92 12.18 -3.77
CA ALA B 184 0.69 11.46 -3.95
C ALA B 184 -0.47 12.19 -3.30
N LEU B 185 -1.55 12.42 -4.08
CA LEU B 185 -2.74 13.06 -3.56
C LEU B 185 -3.65 12.08 -2.79
N ALA B 186 -4.76 12.56 -2.24
CA ALA B 186 -5.57 11.73 -1.33
C ALA B 186 -6.50 10.83 -2.14
N GLU B 187 -6.94 9.73 -1.50
CA GLU B 187 -8.10 9.00 -1.95
C GLU B 187 -9.19 9.15 -0.94
N TYR B 188 -10.43 8.87 -1.36
CA TYR B 188 -11.58 9.04 -0.51
C TYR B 188 -12.48 7.83 -0.68
N VAL B 189 -13.15 7.42 0.40
CA VAL B 189 -14.01 6.24 0.36
C VAL B 189 -15.32 6.66 0.92
N ILE B 190 -16.39 6.30 0.22
CA ILE B 190 -17.71 6.49 0.70
C ILE B 190 -18.35 5.08 0.83
N TYR B 191 -19.41 4.99 1.64
CA TYR B 191 -20.02 3.70 1.97
C TYR B 191 -21.48 3.63 1.51
N ARG B 192 -21.96 4.64 0.82
CA ARG B 192 -23.33 4.68 0.24
C ARG B 192 -23.24 5.19 -1.20
N GLY B 193 -23.85 4.47 -2.15
CA GLY B 193 -23.70 4.83 -3.59
C GLY B 193 -24.35 6.17 -3.88
N GLU B 194 -25.31 6.55 -3.04
CA GLU B 194 -25.96 7.84 -3.24
C GLU B 194 -25.11 9.05 -2.89
N GLN B 195 -23.92 8.84 -2.34
CA GLN B 195 -23.03 9.95 -2.08
C GLN B 195 -22.06 10.31 -3.19
N ALA B 196 -22.23 9.72 -4.38
CA ALA B 196 -21.47 10.15 -5.55
C ALA B 196 -22.39 10.20 -6.78
N TYR B 197 -22.07 11.11 -7.70
CA TYR B 197 -22.79 11.26 -8.98
C TYR B 197 -21.75 11.24 -10.10
N PRO B 198 -21.88 10.33 -11.09
CA PRO B 198 -20.89 10.28 -12.17
C PRO B 198 -21.08 11.41 -13.23
N GLU B 199 -20.68 12.63 -12.90
CA GLU B 199 -20.99 13.80 -13.69
C GLU B 199 -20.36 13.75 -15.08
N TYR B 200 -19.08 13.36 -15.23
CA TYR B 200 -18.45 13.33 -16.53
C TYR B 200 -17.84 11.98 -16.87
N LEU B 201 -17.99 11.62 -18.13
CA LEU B 201 -17.45 10.34 -18.62
C LEU B 201 -16.35 10.75 -19.58
N ILE B 202 -15.13 10.36 -19.27
CA ILE B 202 -13.95 10.83 -20.07
C ILE B 202 -13.40 9.63 -20.82
N THR B 203 -13.31 9.76 -22.15
CA THR B 203 -12.70 8.75 -23.00
C THR B 203 -11.36 9.21 -23.49
N TYR B 204 -10.34 8.33 -23.42
CA TYR B 204 -8.95 8.75 -23.54
C TYR B 204 -8.03 7.55 -23.85
N GLN B 205 -6.83 7.87 -24.30
CA GLN B 205 -5.74 6.91 -24.36
C GLN B 205 -4.59 7.43 -23.50
N ILE B 206 -3.80 6.54 -22.91
CA ILE B 206 -2.56 7.00 -22.34
C ILE B 206 -1.59 7.23 -23.49
N MET B 207 -0.69 8.17 -23.33
CA MET B 207 0.30 8.43 -24.38
C MET B 207 1.70 7.88 -24.06
N ARG B 208 2.28 7.21 -25.06
CA ARG B 208 3.63 6.69 -24.86
C ARG B 208 4.62 7.88 -24.69
N PRO B 209 5.47 7.88 -23.64
CA PRO B 209 6.42 9.00 -23.44
C PRO B 209 7.39 9.14 -24.60
N GLU B 210 7.74 10.36 -24.95
CA GLU B 210 8.65 10.62 -26.09
C GLU B 210 10.08 10.32 -25.73
ZN ZN C . -1.56 6.17 15.71
S SO4 D . 10.81 -10.31 24.47
O1 SO4 D . 9.73 -11.14 25.04
O2 SO4 D . 11.54 -10.83 23.39
O3 SO4 D . 10.27 -9.11 23.88
O4 SO4 D . 11.62 -9.85 25.57
S SO4 E . -8.18 -11.70 19.36
O1 SO4 E . -9.32 -11.28 20.14
O2 SO4 E . -8.38 -12.97 18.67
O3 SO4 E . -7.82 -10.66 18.38
O4 SO4 E . -7.06 -11.83 20.28
CL 495 F . 17.28 -3.41 16.01
C8 495 F . 16.04 -4.44 15.26
N2 495 F . 15.41 -3.93 14.21
N1 495 F . 14.46 -4.70 13.54
C7 495 F . 14.07 -5.93 13.88
O 495 F . 13.14 -6.48 13.12
C6 495 F . 14.72 -6.61 15.02
C5 495 F . 15.76 -5.82 15.75
C1 495 F . 14.43 -7.86 15.46
C2 495 F . 15.11 -8.38 16.60
C3 495 F . 16.10 -7.63 17.31
C4 495 F . 16.41 -6.34 16.89
ZN ZN G . -5.23 -2.68 -26.30
S SO4 H . 1.08 4.23 -5.84
O1 SO4 H . 2.24 5.01 -6.28
O2 SO4 H . 0.34 5.09 -4.94
O3 SO4 H . 0.13 3.88 -6.84
O4 SO4 H . 1.56 3.07 -5.15
S SO4 I . 5.76 12.81 -23.02
O1 SO4 I . 6.71 12.54 -24.09
O2 SO4 I . 5.44 14.23 -22.90
O3 SO4 I . 4.52 12.05 -23.31
O4 SO4 I . 6.38 12.33 -21.79
CL 495 J . -10.94 0.17 -6.15
C8 495 J . -10.75 1.73 -6.98
N2 495 J . -11.49 1.92 -8.05
N1 495 J . -11.43 3.12 -8.76
C7 495 J . -10.63 4.15 -8.42
O 495 J . -10.65 5.17 -9.22
C6 495 J . -9.75 4.06 -7.24
C5 495 J . -9.82 2.78 -6.47
C1 495 J . -8.89 5.04 -6.82
C2 495 J . -8.12 4.79 -5.64
C3 495 J . -8.15 3.57 -4.91
C4 495 J . -9.00 2.56 -5.35
#